data_6G1T
#
_entry.id   6G1T
#
_cell.length_a   122.770
_cell.length_b   44.170
_cell.length_c   56.460
_cell.angle_alpha   90.000
_cell.angle_beta   90.860
_cell.angle_gamma   90.000
#
_symmetry.space_group_name_H-M   'C 1 2 1'
#
loop_
_entity.id
_entity.type
_entity.pdbx_description
1 polymer AM32
2 polymer 'DNA (34-MER)'
3 polymer 'DNA (34-MER)'
4 non-polymer '4-(2-HYDROXYETHYL)-1-PIPERAZINE ETHANESULFONIC ACID'
5 water water
#
loop_
_entity_poly.entity_id
_entity_poly.type
_entity_poly.pdbx_seq_one_letter_code
_entity_poly.pdbx_strand_id
1 'polypeptide(L)'
;MGKINLNQIYTAKEMSERIGKNRNYLSQAYRNNKHEILKNFNYRKIGGTIIFSDNPNNDLSQLITAKEASQLLGKNDEYF
AHIYKRFPHRLEGIDHIYTGKTLFLTKESLEVFKKKMNKNVR
;
A
2 'polydeoxyribonucleotide'
;(DT)(DA)(DT)(DA)(DA)(DA)(DA)(DG)(DT)(DA)(DA)(DA)(DT)(DA)(DT)(DG)(DT)(DT)(DT)(DA)
(DA)(DC)(DC)(DT)(DG)(DA)(DC)(DA)(DT)(DT)(DT)(DC)(DC)(DG)
;
E
3 'polydeoxyribonucleotide'
;(DC)(DG)(DG)(DA)(DA)(DA)(DT)(DG)(DT)(DC)(DA)(DG)(DG)(DT)(DT)(DA)(DA)(DA)(DC)(DA)
(DT)(DA)(DT)(DT)(DT)(DA)(DC)(DT)(DT)(DT)(DT)(DA)(DT)(DA)
;
D
#
# COMPACT_ATOMS: atom_id res chain seq x y z
N GLY A 2 -0.55 -13.50 3.65
CA GLY A 2 -0.40 -13.85 5.06
C GLY A 2 -0.35 -12.64 5.98
N LYS A 3 0.84 -12.10 6.20
N LYS A 3 0.86 -12.10 6.16
CA LYS A 3 0.98 -10.90 7.01
CA LYS A 3 1.08 -10.95 7.02
C LYS A 3 1.82 -9.88 6.28
C LYS A 3 1.84 -9.88 6.26
N ILE A 4 1.73 -8.64 6.74
CA ILE A 4 2.40 -7.51 6.13
C ILE A 4 2.81 -6.57 7.25
N ASN A 5 4.00 -5.99 7.11
CA ASN A 5 4.55 -5.01 8.03
C ASN A 5 4.53 -3.69 7.28
N LEU A 6 3.59 -2.81 7.65
CA LEU A 6 3.44 -1.53 6.96
C LEU A 6 4.65 -0.61 7.14
N ASN A 7 5.54 -0.90 8.09
CA ASN A 7 6.77 -0.12 8.25
C ASN A 7 7.84 -0.45 7.21
N GLN A 8 7.59 -1.44 6.35
CA GLN A 8 8.59 -1.92 5.39
C GLN A 8 8.11 -1.76 3.96
N ILE A 9 7.08 -0.95 3.71
CA ILE A 9 6.57 -0.83 2.36
C ILE A 9 6.71 0.62 1.89
N TYR A 10 6.99 0.77 0.60
CA TYR A 10 7.35 2.03 -0.03
C TYR A 10 6.69 2.13 -1.41
N THR A 11 6.45 3.36 -1.88
CA THR A 11 6.07 3.52 -3.29
C THR A 11 7.27 3.25 -4.19
N ALA A 12 7.03 3.13 -5.50
CA ALA A 12 8.13 2.97 -6.42
C ALA A 12 9.12 4.13 -6.31
N LYS A 13 8.59 5.35 -6.21
CA LYS A 13 9.44 6.53 -6.11
C LYS A 13 10.24 6.51 -4.80
N GLU A 14 9.60 6.17 -3.69
CA GLU A 14 10.34 6.09 -2.43
C GLU A 14 11.44 5.05 -2.49
N MET A 15 11.10 3.82 -2.94
CA MET A 15 12.11 2.78 -2.99
C MET A 15 13.25 3.13 -3.94
N SER A 16 12.92 3.81 -5.05
CA SER A 16 13.94 4.26 -5.99
C SER A 16 14.96 5.16 -5.31
N GLU A 17 14.48 6.12 -4.53
CA GLU A 17 15.42 7.02 -3.88
C GLU A 17 16.10 6.35 -2.71
N ARG A 18 15.41 5.43 -2.03
CA ARG A 18 16.01 4.62 -0.98
C ARG A 18 17.20 3.77 -1.49
N ILE A 19 17.18 3.31 -2.74
CA ILE A 19 18.31 2.51 -3.23
C ILE A 19 19.29 3.41 -4.00
N GLY A 20 19.12 4.72 -3.89
CA GLY A 20 20.06 5.67 -4.46
C GLY A 20 19.89 5.96 -5.94
N LYS A 21 18.69 5.74 -6.51
CA LYS A 21 18.45 5.98 -7.94
C LYS A 21 17.47 7.13 -8.11
N ASN A 22 17.22 7.50 -9.37
CA ASN A 22 16.34 8.62 -9.70
C ASN A 22 14.89 8.28 -9.35
N ARG A 23 14.07 9.33 -9.20
CA ARG A 23 12.70 9.16 -8.71
C ARG A 23 11.88 8.20 -9.55
N ASN A 24 12.22 8.02 -10.82
CA ASN A 24 11.40 7.25 -11.76
C ASN A 24 12.00 5.88 -12.06
N TYR A 25 13.04 5.49 -11.34
CA TYR A 25 13.84 4.31 -11.69
C TYR A 25 13.02 3.03 -11.69
N LEU A 26 12.31 2.75 -10.60
CA LEU A 26 11.60 1.47 -10.50
C LEU A 26 10.33 1.47 -11.35
N SER A 27 9.71 2.63 -11.58
CA SER A 27 8.59 2.69 -12.50
C SER A 27 9.03 2.33 -13.91
N GLN A 28 10.18 2.86 -14.37
CA GLN A 28 10.67 2.47 -15.68
C GLN A 28 11.00 0.98 -15.71
N ALA A 29 11.60 0.46 -14.65
CA ALA A 29 11.90 -0.96 -14.59
C ALA A 29 10.64 -1.81 -14.63
N TYR A 30 9.59 -1.37 -13.93
CA TYR A 30 8.31 -2.08 -13.92
C TYR A 30 7.70 -2.08 -15.31
N ARG A 31 7.64 -0.90 -15.93
CA ARG A 31 6.98 -0.77 -17.22
C ARG A 31 7.70 -1.55 -18.32
N ASN A 32 9.02 -1.65 -18.25
CA ASN A 32 9.77 -2.26 -19.32
C ASN A 32 10.26 -3.66 -18.98
N ASN A 33 9.65 -4.27 -17.96
CA ASN A 33 9.86 -5.68 -17.66
C ASN A 33 11.34 -5.97 -17.42
N LYS A 34 11.98 -5.12 -16.62
CA LYS A 34 13.41 -5.24 -16.40
C LYS A 34 13.62 -6.20 -15.24
N HIS A 35 13.61 -7.50 -15.56
CA HIS A 35 13.62 -8.53 -14.52
C HIS A 35 14.89 -8.48 -13.68
N GLU A 36 16.01 -8.06 -14.27
CA GLU A 36 17.25 -8.01 -13.50
C GLU A 36 17.14 -7.05 -12.33
N ILE A 37 16.36 -5.97 -12.49
CA ILE A 37 16.12 -5.05 -11.39
C ILE A 37 15.00 -5.58 -10.50
N LEU A 38 13.89 -6.01 -11.10
CA LEU A 38 12.67 -6.28 -10.34
C LEU A 38 12.80 -7.51 -9.45
N LYS A 39 13.66 -8.46 -9.82
CA LYS A 39 13.73 -9.72 -9.11
C LYS A 39 14.25 -9.56 -7.68
N ASN A 40 14.85 -8.42 -7.37
CA ASN A 40 15.35 -8.15 -6.03
C ASN A 40 14.28 -7.71 -5.04
N PHE A 41 13.03 -7.52 -5.48
CA PHE A 41 12.01 -6.93 -4.63
C PHE A 41 10.73 -7.74 -4.64
N ASN A 42 9.97 -7.62 -3.54
CA ASN A 42 8.54 -7.84 -3.58
C ASN A 42 7.91 -6.55 -4.09
N TYR A 43 7.03 -6.67 -5.08
CA TYR A 43 6.31 -5.48 -5.55
C TYR A 43 4.97 -5.91 -6.13
N ARG A 44 4.06 -4.93 -6.20
CA ARG A 44 2.73 -5.15 -6.78
C ARG A 44 2.08 -3.80 -7.02
N LYS A 45 1.51 -3.58 -8.19
CA LYS A 45 0.78 -2.34 -8.42
C LYS A 45 -0.63 -2.50 -7.90
N ILE A 46 -1.03 -1.61 -6.98
CA ILE A 46 -2.32 -1.67 -6.30
C ILE A 46 -2.98 -0.31 -6.47
N GLY A 47 -4.08 -0.26 -7.19
CA GLY A 47 -4.60 1.06 -7.49
C GLY A 47 -3.60 1.80 -8.35
N GLY A 48 -3.36 3.06 -8.01
CA GLY A 48 -2.45 3.84 -8.83
C GLY A 48 -1.02 3.89 -8.30
N THR A 49 -0.66 2.97 -7.40
CA THR A 49 0.63 3.00 -6.70
C THR A 49 1.32 1.65 -6.85
N ILE A 50 2.61 1.64 -7.17
CA ILE A 50 3.38 0.40 -7.17
C ILE A 50 4.06 0.26 -5.81
N ILE A 51 3.62 -0.71 -5.01
CA ILE A 51 4.17 -0.91 -3.69
C ILE A 51 5.38 -1.83 -3.80
N PHE A 52 6.48 -1.45 -3.15
CA PHE A 52 7.73 -2.21 -3.09
C PHE A 52 8.09 -2.53 -1.65
N SER A 53 8.71 -3.70 -1.44
CA SER A 53 9.30 -4.01 -0.14
C SER A 53 10.57 -4.82 -0.36
N ASP A 54 11.58 -4.56 0.46
N ASP A 54 11.59 -4.59 0.45
CA ASP A 54 12.79 -5.37 0.47
CA ASP A 54 12.78 -5.44 0.37
C ASP A 54 12.56 -6.72 1.13
C ASP A 54 12.71 -6.63 1.32
N ASN A 55 11.61 -6.79 2.05
CA ASN A 55 11.37 -7.97 2.88
C ASN A 55 10.49 -8.95 2.12
N PRO A 56 11.03 -10.10 1.68
CA PRO A 56 10.23 -11.00 0.85
C PRO A 56 9.07 -11.65 1.59
N ASN A 57 9.03 -11.52 2.91
CA ASN A 57 7.96 -12.09 3.72
C ASN A 57 6.74 -11.18 3.80
N ASN A 58 6.78 -10.00 3.19
CA ASN A 58 5.64 -9.09 3.19
C ASN A 58 4.70 -9.45 2.06
N ASP A 59 3.48 -9.86 2.39
CA ASP A 59 2.46 -10.23 1.39
C ASP A 59 1.73 -8.96 0.99
N LEU A 60 2.19 -8.32 -0.08
CA LEU A 60 1.60 -7.03 -0.51
C LEU A 60 0.19 -7.19 -1.04
N SER A 61 -0.21 -8.42 -1.41
CA SER A 61 -1.61 -8.58 -1.79
C SER A 61 -2.55 -8.40 -0.61
N GLN A 62 -2.03 -8.20 0.61
CA GLN A 62 -2.93 -7.89 1.72
C GLN A 62 -3.40 -6.44 1.69
N LEU A 63 -2.70 -5.58 0.96
CA LEU A 63 -3.07 -4.17 0.88
C LEU A 63 -4.31 -4.00 0.01
N ILE A 64 -5.20 -3.13 0.45
CA ILE A 64 -6.41 -2.79 -0.27
CA ILE A 64 -6.39 -2.77 -0.32
C ILE A 64 -6.53 -1.26 -0.27
N THR A 65 -6.87 -0.68 -1.42
CA THR A 65 -6.95 0.78 -1.40
C THR A 65 -8.13 1.22 -0.54
N ALA A 66 -8.04 2.47 -0.06
CA ALA A 66 -9.14 3.00 0.75
C ALA A 66 -10.43 3.06 -0.05
N LYS A 67 -10.34 3.38 -1.34
CA LYS A 67 -11.53 3.35 -2.16
C LYS A 67 -12.10 1.94 -2.24
N GLU A 68 -11.24 0.92 -2.46
CA GLU A 68 -11.73 -0.46 -2.51
C GLU A 68 -12.36 -0.85 -1.19
N ALA A 69 -11.70 -0.48 -0.07
CA ALA A 69 -12.22 -0.79 1.27
C ALA A 69 -13.57 -0.09 1.50
N SER A 70 -13.70 1.16 1.06
CA SER A 70 -14.95 1.89 1.22
C SER A 70 -16.09 1.17 0.50
N GLN A 71 -15.83 0.73 -0.72
CA GLN A 71 -16.81 0.02 -1.52
C GLN A 71 -17.20 -1.31 -0.89
N LEU A 72 -16.21 -2.02 -0.34
CA LEU A 72 -16.49 -3.31 0.30
C LEU A 72 -17.43 -3.16 1.50
N LEU A 73 -17.45 -1.99 2.14
CA LEU A 73 -18.39 -1.73 3.22
C LEU A 73 -19.73 -1.15 2.75
N GLY A 74 -19.89 -0.91 1.45
CA GLY A 74 -21.12 -0.31 0.98
C GLY A 74 -21.16 1.20 1.09
N LYS A 75 -20.02 1.85 1.22
CA LYS A 75 -19.93 3.27 1.55
C LYS A 75 -19.51 4.05 0.32
N ASN A 76 -19.52 5.37 0.45
CA ASN A 76 -19.06 6.25 -0.62
C ASN A 76 -17.56 6.07 -0.82
N ASP A 77 -17.08 6.40 -2.03
CA ASP A 77 -15.69 6.17 -2.40
C ASP A 77 -14.70 6.86 -1.48
N GLU A 78 -15.08 8.00 -0.89
CA GLU A 78 -14.17 8.77 -0.05
C GLU A 78 -14.38 8.48 1.42
N TYR A 79 -15.09 7.41 1.74
CA TYR A 79 -15.41 7.07 3.14
C TYR A 79 -14.15 6.99 4.00
N PHE A 80 -13.21 6.12 3.63
CA PHE A 80 -12.02 5.97 4.48
C PHE A 80 -11.08 7.17 4.38
N ALA A 81 -10.94 7.78 3.19
CA ALA A 81 -10.18 9.02 3.11
C ALA A 81 -10.72 10.08 4.09
N HIS A 82 -12.04 10.16 4.26
CA HIS A 82 -12.62 11.15 5.18
C HIS A 82 -12.31 10.81 6.63
N ILE A 83 -12.41 9.53 7.00
CA ILE A 83 -12.08 9.14 8.36
C ILE A 83 -10.61 9.40 8.65
N TYR A 84 -9.74 8.97 7.73
CA TYR A 84 -8.30 9.19 7.89
C TYR A 84 -8.00 10.67 8.08
N LYS A 85 -8.62 11.52 7.27
CA LYS A 85 -8.17 12.91 7.26
C LYS A 85 -8.84 13.72 8.37
N ARG A 86 -10.10 13.41 8.71
CA ARG A 86 -10.91 14.19 9.64
C ARG A 86 -11.09 13.56 11.00
N PHE A 87 -11.16 12.24 11.10
CA PHE A 87 -11.44 11.55 12.37
C PHE A 87 -10.40 10.46 12.64
N PRO A 88 -9.12 10.82 12.71
CA PRO A 88 -8.09 9.75 12.75
C PRO A 88 -8.13 8.88 14.00
N HIS A 89 -8.73 9.35 15.10
CA HIS A 89 -8.90 8.48 16.27
C HIS A 89 -9.71 7.24 15.93
N ARG A 90 -10.59 7.35 14.93
CA ARG A 90 -11.37 6.19 14.50
C ARG A 90 -10.53 5.13 13.81
N LEU A 91 -9.26 5.40 13.49
CA LEU A 91 -8.42 4.39 12.86
C LEU A 91 -7.42 3.80 13.84
N GLU A 92 -7.50 4.14 15.13
CA GLU A 92 -6.57 3.55 16.08
C GLU A 92 -6.84 2.06 16.14
N GLY A 93 -5.78 1.27 16.08
CA GLY A 93 -5.92 -0.16 15.97
C GLY A 93 -6.30 -0.67 14.60
N ILE A 94 -6.45 0.21 13.60
CA ILE A 94 -6.76 -0.17 12.21
C ILE A 94 -5.52 0.10 11.38
N ASP A 95 -4.79 -0.95 10.99
CA ASP A 95 -3.58 -0.76 10.19
C ASP A 95 -3.92 -0.04 8.90
N HIS A 96 -3.15 1.01 8.60
CA HIS A 96 -3.38 1.78 7.39
C HIS A 96 -2.09 2.52 7.10
N ILE A 97 -1.94 2.92 5.84
CA ILE A 97 -0.75 3.70 5.49
C ILE A 97 -1.10 4.64 4.35
N TYR A 98 -0.75 5.91 4.55
CA TYR A 98 -0.97 6.94 3.54
C TYR A 98 0.31 7.07 2.71
N THR A 99 0.22 6.83 1.40
CA THR A 99 1.44 6.82 0.60
C THR A 99 1.53 7.97 -0.39
N GLY A 100 0.59 8.91 -0.36
CA GLY A 100 0.79 10.09 -1.17
C GLY A 100 -0.27 10.25 -2.23
N LYS A 101 -0.34 9.29 -3.16
CA LYS A 101 -1.49 9.28 -4.06
C LYS A 101 -2.60 8.43 -3.47
N THR A 102 -2.24 7.35 -2.79
CA THR A 102 -3.17 6.31 -2.39
C THR A 102 -3.09 6.07 -0.88
N LEU A 103 -4.24 6.05 -0.23
CA LEU A 103 -4.38 5.56 1.14
C LEU A 103 -4.75 4.08 1.09
N PHE A 104 -4.12 3.29 1.96
CA PHE A 104 -4.32 1.84 2.02
C PHE A 104 -4.77 1.42 3.41
N LEU A 105 -5.61 0.41 3.46
CA LEU A 105 -5.85 -0.40 4.63
C LEU A 105 -5.30 -1.80 4.32
N THR A 106 -5.55 -2.77 5.20
CA THR A 106 -5.24 -4.16 4.90
C THR A 106 -6.52 -4.97 4.94
N LYS A 107 -6.51 -6.15 4.31
CA LYS A 107 -7.65 -7.03 4.42
C LYS A 107 -7.98 -7.29 5.88
N GLU A 108 -6.97 -7.52 6.71
CA GLU A 108 -7.22 -7.79 8.13
C GLU A 108 -7.79 -6.57 8.85
N SER A 109 -7.24 -5.38 8.57
CA SER A 109 -7.68 -4.24 9.36
C SER A 109 -9.06 -3.78 8.93
N LEU A 110 -9.47 -4.07 7.69
CA LEU A 110 -10.86 -3.83 7.32
C LEU A 110 -11.80 -4.70 8.15
N GLU A 111 -11.40 -5.95 8.42
CA GLU A 111 -12.24 -6.82 9.26
C GLU A 111 -12.34 -6.27 10.68
N VAL A 112 -11.21 -5.82 11.24
CA VAL A 112 -11.23 -5.20 12.58
C VAL A 112 -12.15 -3.99 12.61
N PHE A 113 -12.12 -3.18 11.55
CA PHE A 113 -12.97 -2.00 11.50
C PHE A 113 -14.44 -2.37 11.42
N LYS A 114 -14.78 -3.39 10.64
CA LYS A 114 -16.17 -3.87 10.58
C LYS A 114 -16.67 -4.22 11.97
N LYS A 115 -15.86 -4.95 12.73
CA LYS A 115 -16.27 -5.36 14.06
C LYS A 115 -16.51 -4.17 14.97
N LYS A 116 -15.66 -3.15 14.90
CA LYS A 116 -15.83 -1.91 15.65
C LYS A 116 -17.18 -1.21 15.39
#